data_2HL2
#
_entry.id   2HL2
#
_cell.length_a   39.652
_cell.length_b   67.363
_cell.length_c   98.588
_cell.angle_alpha   90.00
_cell.angle_beta   90.00
_cell.angle_gamma   90.00
#
_symmetry.space_group_name_H-M   'P 21 21 21'
#
loop_
_entity.id
_entity.type
_entity.pdbx_description
1 polymer 'Threonyl-tRNA synthetase'
2 non-polymer "5'-O-(N-(L-SERYL)-SULFAMOYL)ADENOSINE"
3 water water
#
_entity_poly.entity_id   1
_entity_poly.type   'polypeptide(L)'
_entity_poly.pdbx_seq_one_letter_code
;MRVLLIHSDYIEYEVKDKALKNPEPISEDMKRGRMEEVLVAFISVEKVDEKNPEEVSLKAIEEISKVAEQVKAENVFVYP
FAHLSSELAKPSVAMDILNRVYQGLKERGFNVGKAPFGYYKAFKISCKGHPLAELSRTIVPEE
;
_entity_poly.pdbx_strand_id   A,B
#
loop_
_chem_comp.id
_chem_comp.type
_chem_comp.name
_chem_comp.formula
SSA non-polymer 5'-O-(N-(L-SERYL)-SULFAMOYL)ADENOSINE 'C13 H19 N7 O8 S'
#
# COMPACT_ATOMS: atom_id res chain seq x y z
N MET A 1 5.41 -13.24 -5.58
CA MET A 1 5.54 -11.76 -5.52
C MET A 1 4.17 -11.06 -5.49
N ARG A 2 4.14 -9.88 -4.86
CA ARG A 2 2.94 -9.07 -4.76
C ARG A 2 3.39 -7.67 -5.18
N VAL A 3 2.59 -7.01 -6.00
CA VAL A 3 2.93 -5.68 -6.46
C VAL A 3 1.77 -4.69 -6.31
N LEU A 4 2.09 -3.49 -5.85
CA LEU A 4 1.10 -2.43 -5.68
C LEU A 4 1.57 -1.26 -6.56
N LEU A 5 0.87 -1.06 -7.67
CA LEU A 5 1.22 -0.03 -8.63
C LEU A 5 0.44 1.25 -8.44
N ILE A 6 1.15 2.30 -8.05
CA ILE A 6 0.54 3.60 -7.83
C ILE A 6 1.07 4.58 -8.87
N HIS A 7 0.21 4.97 -9.81
CA HIS A 7 0.65 5.93 -10.82
C HIS A 7 0.48 7.28 -10.14
N SER A 8 1.60 7.83 -9.70
CA SER A 8 1.58 9.07 -8.93
C SER A 8 2.10 10.32 -9.63
N ASP A 9 1.76 11.46 -9.02
CA ASP A 9 2.20 12.77 -9.51
C ASP A 9 3.67 12.83 -9.15
N TYR A 10 4.02 12.23 -8.01
CA TYR A 10 5.39 12.22 -7.53
C TYR A 10 5.58 11.20 -6.40
N ILE A 11 6.84 10.84 -6.18
CA ILE A 11 7.26 9.90 -5.15
C ILE A 11 8.54 10.48 -4.54
N GLU A 12 8.54 10.65 -3.22
CA GLU A 12 9.71 11.18 -2.56
C GLU A 12 10.04 10.31 -1.36
N TYR A 13 11.33 10.12 -1.10
CA TYR A 13 11.74 9.28 0.03
C TYR A 13 13.00 9.83 0.68
N GLU A 14 13.21 9.42 1.93
CA GLU A 14 14.38 9.85 2.69
C GLU A 14 14.81 8.78 3.68
N VAL A 15 16.04 8.32 3.52
CA VAL A 15 16.61 7.29 4.38
C VAL A 15 16.75 7.71 5.85
N LYS A 16 16.32 6.82 6.74
CA LYS A 16 16.41 7.05 8.18
C LYS A 16 17.55 6.14 8.66
N ASP A 17 17.18 5.06 9.34
CA ASP A 17 18.19 4.13 9.83
C ASP A 17 17.93 2.73 9.32
N LYS A 18 18.98 1.91 9.32
CA LYS A 18 18.92 0.53 8.85
C LYS A 18 17.85 -0.30 9.54
N ALA A 19 17.10 -1.05 8.73
CA ALA A 19 16.04 -1.92 9.25
C ALA A 19 16.50 -3.36 9.17
N LEU A 20 17.77 -3.53 8.80
CA LEU A 20 18.40 -4.84 8.63
C LEU A 20 19.86 -4.73 9.04
N LYS A 21 20.40 -5.83 9.55
CA LYS A 21 21.79 -5.90 9.97
C LYS A 21 22.70 -5.67 8.75
N ASN A 22 22.29 -6.21 7.61
CA ASN A 22 23.02 -6.11 6.35
C ASN A 22 22.19 -5.52 5.21
N PRO A 23 22.04 -4.18 5.18
CA PRO A 23 21.27 -3.51 4.14
C PRO A 23 22.12 -3.14 2.92
N GLU A 24 21.46 -2.96 1.78
CA GLU A 24 22.14 -2.60 0.53
C GLU A 24 23.00 -1.35 0.72
N PRO A 25 24.31 -1.45 0.48
CA PRO A 25 25.26 -0.33 0.61
C PRO A 25 24.94 0.83 -0.33
N ILE A 26 24.81 2.03 0.24
CA ILE A 26 24.44 3.21 -0.56
C ILE A 26 25.38 4.40 -0.38
N SER A 27 25.30 5.33 -1.35
CA SER A 27 26.11 6.55 -1.34
C SER A 27 25.29 7.77 -0.97
N GLU A 28 25.96 8.90 -0.76
CA GLU A 28 25.30 10.15 -0.39
C GLU A 28 24.09 10.46 -1.26
N ASP A 29 24.16 10.07 -2.52
CA ASP A 29 23.08 10.31 -3.47
C ASP A 29 21.81 9.53 -3.11
N MET A 30 22.01 8.23 -2.87
CA MET A 30 20.92 7.33 -2.54
C MET A 30 20.12 7.64 -1.27
N LYS A 31 20.60 8.56 -0.44
CA LYS A 31 19.91 8.91 0.82
C LYS A 31 18.50 9.52 0.65
N ARG A 32 18.35 10.33 -0.38
CA ARG A 32 17.07 10.98 -0.66
C ARG A 32 16.80 10.84 -2.16
N GLY A 33 15.52 10.84 -2.52
CA GLY A 33 15.16 10.71 -3.91
C GLY A 33 13.79 11.28 -4.20
N ARG A 34 13.68 11.94 -5.35
CA ARG A 34 12.45 12.54 -5.80
C ARG A 34 12.24 12.19 -7.27
N MET A 35 11.04 11.78 -7.61
CA MET A 35 10.72 11.44 -8.99
C MET A 35 9.28 11.87 -9.23
N GLU A 36 9.01 12.39 -10.41
CA GLU A 36 7.67 12.89 -10.72
C GLU A 36 7.05 12.24 -11.94
N GLU A 37 5.72 12.29 -12.02
CA GLU A 37 5.00 11.71 -13.13
C GLU A 37 5.58 10.29 -13.29
N VAL A 38 5.43 9.49 -12.24
CA VAL A 38 5.96 8.13 -12.18
C VAL A 38 4.98 7.05 -11.72
N LEU A 39 5.25 5.80 -12.14
CA LEU A 39 4.43 4.67 -11.73
C LEU A 39 5.23 4.01 -10.61
N VAL A 40 4.77 4.17 -9.37
CA VAL A 40 5.46 3.61 -8.22
C VAL A 40 5.10 2.14 -7.99
N ALA A 41 6.12 1.28 -7.98
CA ALA A 41 5.93 -0.15 -7.78
C ALA A 41 6.41 -0.61 -6.41
N PHE A 42 5.47 -0.83 -5.49
CA PHE A 42 5.80 -1.32 -4.15
C PHE A 42 5.84 -2.82 -4.26
N ILE A 43 7.04 -3.39 -4.21
CA ILE A 43 7.21 -4.83 -4.38
C ILE A 43 7.56 -5.64 -3.14
N SER A 44 6.79 -6.71 -2.91
CA SER A 44 7.02 -7.62 -1.80
C SER A 44 7.46 -8.93 -2.44
N VAL A 45 8.75 -9.25 -2.35
CA VAL A 45 9.26 -10.49 -2.91
C VAL A 45 8.90 -11.58 -1.93
N GLU A 46 8.26 -12.64 -2.40
CA GLU A 46 7.84 -13.71 -1.51
C GLU A 46 8.70 -14.98 -1.49
N LYS A 47 8.53 -15.74 -0.42
CA LYS A 47 9.25 -17.00 -0.22
C LYS A 47 9.13 -17.88 -1.48
N VAL A 48 7.91 -18.00 -2.00
CA VAL A 48 7.63 -18.81 -3.18
C VAL A 48 8.53 -18.45 -4.37
N ASP A 49 8.94 -17.19 -4.43
CA ASP A 49 9.77 -16.69 -5.52
C ASP A 49 11.21 -17.20 -5.50
N GLU A 50 11.70 -17.57 -4.31
CA GLU A 50 13.05 -18.10 -4.17
C GLU A 50 13.26 -19.19 -5.19
N LYS A 51 12.26 -20.06 -5.31
CA LYS A 51 12.29 -21.17 -6.26
C LYS A 51 12.88 -20.74 -7.60
N ASN A 52 12.08 -20.08 -8.42
CA ASN A 52 12.55 -19.62 -9.73
C ASN A 52 12.71 -18.10 -9.71
N PRO A 53 13.95 -17.63 -9.53
CA PRO A 53 14.23 -16.19 -9.50
C PRO A 53 14.13 -15.49 -10.84
N GLU A 54 14.69 -16.10 -11.88
CA GLU A 54 14.66 -15.50 -13.21
C GLU A 54 13.27 -15.47 -13.81
N GLU A 55 12.42 -16.43 -13.43
CA GLU A 55 11.05 -16.48 -13.95
C GLU A 55 10.25 -15.31 -13.41
N VAL A 56 10.28 -15.16 -12.10
CA VAL A 56 9.56 -14.10 -11.41
C VAL A 56 9.88 -12.71 -11.94
N SER A 57 11.17 -12.41 -11.99
CA SER A 57 11.65 -11.12 -12.44
C SER A 57 11.16 -10.78 -13.84
N LEU A 58 11.03 -11.80 -14.69
CA LEU A 58 10.57 -11.63 -16.07
C LEU A 58 9.10 -11.25 -16.17
N LYS A 59 8.24 -12.03 -15.51
CA LYS A 59 6.82 -11.75 -15.49
C LYS A 59 6.61 -10.37 -14.86
N ALA A 60 7.40 -10.09 -13.83
CA ALA A 60 7.35 -8.81 -13.13
C ALA A 60 7.69 -7.66 -14.08
N ILE A 61 8.85 -7.75 -14.73
CA ILE A 61 9.28 -6.72 -15.67
C ILE A 61 8.14 -6.46 -16.64
N GLU A 62 7.65 -7.55 -17.23
CA GLU A 62 6.57 -7.53 -18.22
C GLU A 62 5.28 -6.88 -17.72
N GLU A 63 4.83 -7.28 -16.54
CA GLU A 63 3.60 -6.72 -15.96
C GLU A 63 3.66 -5.24 -15.67
N ILE A 64 4.79 -4.79 -15.12
CA ILE A 64 4.99 -3.38 -14.79
C ILE A 64 5.10 -2.54 -16.05
N SER A 65 5.84 -3.07 -17.04
CA SER A 65 6.04 -2.39 -18.31
C SER A 65 4.70 -2.21 -19.02
N LYS A 66 3.88 -3.25 -19.04
CA LYS A 66 2.58 -3.19 -19.68
C LYS A 66 1.67 -2.15 -19.06
N VAL A 67 1.67 -2.09 -17.72
CA VAL A 67 0.85 -1.13 -17.01
C VAL A 67 1.32 0.29 -17.28
N ALA A 68 2.63 0.44 -17.45
CA ALA A 68 3.21 1.75 -17.71
C ALA A 68 2.81 2.28 -19.08
N GLU A 69 2.67 1.38 -20.04
CA GLU A 69 2.29 1.75 -21.40
C GLU A 69 0.82 2.16 -21.41
N GLN A 70 0.01 1.47 -20.62
CA GLN A 70 -1.41 1.79 -20.56
C GLN A 70 -1.64 3.19 -20.01
N VAL A 71 -0.88 3.54 -18.96
CA VAL A 71 -1.01 4.85 -18.33
C VAL A 71 -0.09 5.90 -18.92
N LYS A 72 0.66 5.54 -19.94
CA LYS A 72 1.57 6.48 -20.61
C LYS A 72 2.64 6.95 -19.62
N ALA A 73 3.12 6.02 -18.81
CA ALA A 73 4.16 6.34 -17.85
C ALA A 73 5.53 6.14 -18.50
N GLU A 74 6.40 7.12 -18.30
CA GLU A 74 7.76 7.05 -18.86
C GLU A 74 8.72 6.71 -17.73
N ASN A 75 8.37 7.17 -16.52
CA ASN A 75 9.18 6.95 -15.33
C ASN A 75 8.56 5.90 -14.43
N VAL A 76 9.38 4.94 -14.02
CA VAL A 76 8.95 3.86 -13.14
C VAL A 76 9.82 3.90 -11.89
N PHE A 77 9.20 3.73 -10.72
CA PHE A 77 9.96 3.74 -9.48
C PHE A 77 9.73 2.44 -8.76
N VAL A 78 10.80 1.68 -8.55
CA VAL A 78 10.71 0.41 -7.82
C VAL A 78 10.94 0.71 -6.34
N TYR A 79 9.97 0.34 -5.51
CA TYR A 79 10.05 0.60 -4.08
C TYR A 79 10.01 -0.69 -3.26
N PRO A 80 11.14 -1.06 -2.63
CA PRO A 80 11.18 -2.27 -1.83
C PRO A 80 10.23 -2.03 -0.66
N PHE A 81 9.16 -2.82 -0.61
CA PHE A 81 8.13 -2.67 0.42
C PHE A 81 7.79 -4.05 0.95
N ALA A 82 8.08 -4.31 2.22
CA ALA A 82 7.81 -5.65 2.76
C ALA A 82 6.53 -5.77 3.57
N HIS A 83 5.42 -5.26 3.03
CA HIS A 83 4.14 -5.29 3.73
C HIS A 83 2.96 -5.74 2.87
N LEU A 84 3.22 -6.30 1.69
CA LEU A 84 2.13 -6.75 0.82
C LEU A 84 2.00 -8.25 0.88
N SER A 85 2.70 -8.87 1.81
CA SER A 85 2.70 -10.32 1.95
C SER A 85 3.21 -10.82 3.31
N SER A 86 2.67 -11.95 3.76
CA SER A 86 3.03 -12.55 5.03
C SER A 86 4.12 -13.57 4.84
N GLU A 87 4.26 -14.03 3.60
CA GLU A 87 5.28 -15.01 3.25
C GLU A 87 6.40 -14.34 2.46
N LEU A 88 7.11 -13.43 3.10
CA LEU A 88 8.21 -12.71 2.46
C LEU A 88 9.39 -13.61 2.16
N ALA A 89 10.24 -13.18 1.23
CA ALA A 89 11.41 -13.94 0.87
C ALA A 89 12.61 -13.48 1.71
N LYS A 90 13.61 -14.34 1.80
CA LYS A 90 14.84 -14.07 2.52
C LYS A 90 15.42 -12.77 1.94
N PRO A 91 15.96 -11.90 2.80
CA PRO A 91 16.53 -10.62 2.34
C PRO A 91 17.54 -10.68 1.20
N SER A 92 18.21 -11.80 1.01
CA SER A 92 19.20 -11.87 -0.06
C SER A 92 18.52 -12.17 -1.39
N VAL A 93 17.48 -12.99 -1.37
CA VAL A 93 16.77 -13.32 -2.59
C VAL A 93 15.87 -12.17 -3.00
N ALA A 94 15.24 -11.54 -2.00
CA ALA A 94 14.35 -10.42 -2.21
C ALA A 94 15.11 -9.32 -2.93
N MET A 95 16.33 -9.06 -2.46
CA MET A 95 17.17 -8.03 -3.04
C MET A 95 17.66 -8.34 -4.45
N ASP A 96 17.89 -9.61 -4.75
CA ASP A 96 18.36 -9.96 -6.08
C ASP A 96 17.26 -9.73 -7.09
N ILE A 97 16.09 -10.33 -6.86
CA ILE A 97 14.95 -10.19 -7.77
C ILE A 97 14.62 -8.73 -7.99
N LEU A 98 14.74 -7.93 -6.94
CA LEU A 98 14.45 -6.52 -7.07
C LEU A 98 15.39 -5.83 -8.05
N ASN A 99 16.65 -6.24 -8.03
CA ASN A 99 17.64 -5.66 -8.91
C ASN A 99 17.48 -6.14 -10.34
N ARG A 100 16.95 -7.35 -10.50
CA ARG A 100 16.73 -7.90 -11.82
C ARG A 100 15.58 -7.11 -12.45
N VAL A 101 14.61 -6.77 -11.61
CA VAL A 101 13.43 -6.02 -12.03
C VAL A 101 13.87 -4.60 -12.34
N TYR A 102 14.63 -4.03 -11.44
CA TYR A 102 15.14 -2.68 -11.64
C TYR A 102 15.87 -2.67 -12.98
N GLN A 103 16.90 -3.51 -13.10
CA GLN A 103 17.69 -3.59 -14.32
C GLN A 103 16.94 -3.89 -15.61
N GLY A 104 16.17 -4.98 -15.62
CA GLY A 104 15.43 -5.36 -16.82
C GLY A 104 14.32 -4.39 -17.20
N LEU A 105 14.06 -3.43 -16.33
CA LEU A 105 13.03 -2.44 -16.56
C LEU A 105 13.70 -1.24 -17.24
N LYS A 106 15.00 -1.07 -17.00
CA LYS A 106 15.75 0.02 -17.60
C LYS A 106 16.07 -0.38 -19.04
N GLU A 107 16.27 -1.68 -19.23
CA GLU A 107 16.55 -2.26 -20.53
C GLU A 107 15.40 -1.89 -21.47
N ARG A 108 14.18 -1.92 -20.96
CA ARG A 108 13.01 -1.58 -21.77
C ARG A 108 13.03 -0.10 -22.20
N GLY A 109 13.89 0.70 -21.56
CA GLY A 109 13.98 2.11 -21.93
C GLY A 109 13.35 3.09 -20.98
N PHE A 110 12.66 2.58 -19.97
CA PHE A 110 12.01 3.45 -19.00
C PHE A 110 13.08 4.15 -18.16
N ASN A 111 12.71 5.27 -17.57
CA ASN A 111 13.60 5.97 -16.69
C ASN A 111 13.19 5.36 -15.34
N VAL A 112 14.07 4.53 -14.78
CA VAL A 112 13.75 3.85 -13.53
C VAL A 112 14.43 4.44 -12.31
N GLY A 113 13.70 4.43 -11.20
CA GLY A 113 14.22 4.92 -9.93
C GLY A 113 14.14 3.79 -8.92
N LYS A 114 14.87 3.91 -7.81
CA LYS A 114 14.84 2.85 -6.80
C LYS A 114 15.07 3.40 -5.40
N ALA A 115 14.43 2.77 -4.43
CA ALA A 115 14.58 3.16 -3.04
C ALA A 115 15.52 2.14 -2.38
N PRO A 116 16.61 2.62 -1.76
CA PRO A 116 17.52 1.69 -1.12
C PRO A 116 16.84 0.60 -0.30
N PHE A 117 17.33 -0.62 -0.47
CA PHE A 117 16.85 -1.82 0.19
C PHE A 117 17.41 -1.99 1.61
N GLY A 118 16.55 -2.33 2.56
CA GLY A 118 16.99 -2.57 3.93
C GLY A 118 17.04 -1.38 4.86
N TYR A 119 16.36 -0.30 4.49
CA TYR A 119 16.33 0.92 5.31
C TYR A 119 14.92 1.39 5.65
N TYR A 120 14.80 2.04 6.79
CA TYR A 120 13.52 2.61 7.19
C TYR A 120 13.55 3.92 6.40
N LYS A 121 12.54 4.15 5.56
CA LYS A 121 12.52 5.39 4.81
C LYS A 121 11.19 6.10 5.01
N ALA A 122 11.30 7.42 5.12
CA ALA A 122 10.15 8.28 5.23
C ALA A 122 9.85 8.50 3.76
N PHE A 123 8.58 8.54 3.37
CA PHE A 123 8.28 8.78 1.97
C PHE A 123 6.98 9.52 1.77
N LYS A 124 6.88 10.17 0.62
CA LYS A 124 5.70 10.94 0.23
C LYS A 124 5.28 10.47 -1.16
N ILE A 125 3.99 10.30 -1.36
CA ILE A 125 3.49 9.91 -2.68
C ILE A 125 2.15 10.57 -2.98
N SER A 126 1.88 10.79 -4.26
CA SER A 126 0.63 11.40 -4.70
C SER A 126 -0.04 10.59 -5.79
N CYS A 127 -0.98 9.74 -5.40
CA CYS A 127 -1.72 8.91 -6.34
C CYS A 127 -2.59 9.83 -7.18
N LYS A 128 -2.67 9.53 -8.48
CA LYS A 128 -3.46 10.33 -9.40
C LYS A 128 -4.97 10.24 -9.29
N GLY A 129 -5.48 9.12 -8.79
CA GLY A 129 -6.91 8.97 -8.65
C GLY A 129 -7.67 8.55 -9.91
N HIS A 130 -6.93 8.15 -10.95
CA HIS A 130 -7.56 7.71 -12.19
C HIS A 130 -7.96 6.25 -12.00
N PRO A 131 -8.76 5.71 -12.92
CA PRO A 131 -9.17 4.31 -12.80
C PRO A 131 -7.98 3.33 -12.73
N LEU A 132 -6.89 3.71 -13.40
CA LEU A 132 -5.70 2.87 -13.45
C LEU A 132 -4.50 3.36 -12.59
N ALA A 133 -4.72 4.27 -11.64
CA ALA A 133 -3.64 4.79 -10.80
C ALA A 133 -3.30 3.86 -9.64
N GLU A 134 -4.28 3.09 -9.20
CA GLU A 134 -4.14 2.10 -8.12
C GLU A 134 -4.38 0.72 -8.71
N LEU A 135 -3.36 -0.13 -8.72
CA LEU A 135 -3.50 -1.49 -9.25
C LEU A 135 -2.67 -2.47 -8.43
N SER A 136 -3.02 -3.76 -8.50
CA SER A 136 -2.29 -4.78 -7.76
C SER A 136 -2.12 -6.00 -8.65
N ARG A 137 -0.98 -6.68 -8.51
CA ARG A 137 -0.66 -7.85 -9.31
C ARG A 137 0.03 -8.87 -8.42
N THR A 138 -0.31 -10.14 -8.60
CA THR A 138 0.31 -11.19 -7.82
C THR A 138 1.05 -12.06 -8.82
N ILE A 139 2.36 -11.85 -8.89
CA ILE A 139 3.23 -12.58 -9.81
C ILE A 139 3.93 -13.69 -9.05
N VAL A 140 3.60 -14.93 -9.37
CA VAL A 140 4.23 -16.05 -8.70
C VAL A 140 4.66 -17.17 -9.64
N PRO A 141 5.80 -17.80 -9.34
CA PRO A 141 6.36 -18.89 -10.14
C PRO A 141 5.43 -20.08 -10.34
N GLU A 142 5.89 -21.01 -11.18
CA GLU A 142 5.17 -22.23 -11.49
C GLU A 142 6.25 -23.32 -11.49
N GLU A 143 6.55 -23.85 -10.30
CA GLU A 143 7.58 -24.87 -10.11
C GLU A 143 7.41 -26.12 -10.97
N MET B 1 -9.55 -10.36 6.34
CA MET B 1 -9.31 -8.90 6.13
C MET B 1 -7.83 -8.56 6.16
N ARG B 2 -7.41 -7.68 5.25
CA ARG B 2 -6.01 -7.26 5.20
C ARG B 2 -5.86 -5.76 5.39
N VAL B 3 -5.06 -5.42 6.40
CA VAL B 3 -4.80 -4.03 6.79
C VAL B 3 -3.36 -3.55 6.51
N LEU B 4 -3.25 -2.28 6.17
CA LEU B 4 -1.96 -1.65 5.92
C LEU B 4 -2.00 -0.38 6.74
N LEU B 5 -1.24 -0.37 7.84
CA LEU B 5 -1.19 0.78 8.73
C LEU B 5 0.02 1.66 8.46
N ILE B 6 -0.22 2.91 8.09
CA ILE B 6 0.86 3.84 7.84
C ILE B 6 0.73 5.12 8.65
N HIS B 7 1.65 5.31 9.59
CA HIS B 7 1.64 6.50 10.43
C HIS B 7 2.13 7.65 9.57
N SER B 8 1.23 8.57 9.23
CA SER B 8 1.56 9.69 8.36
C SER B 8 1.54 11.08 8.98
N ASP B 9 2.28 11.99 8.34
CA ASP B 9 2.30 13.39 8.76
C ASP B 9 0.92 13.91 8.36
N TYR B 10 0.36 13.28 7.34
CA TYR B 10 -0.97 13.63 6.83
C TYR B 10 -1.43 12.64 5.76
N ILE B 11 -2.73 12.74 5.45
CA ILE B 11 -3.43 11.97 4.44
C ILE B 11 -4.43 12.98 3.88
N GLU B 12 -4.61 12.99 2.56
CA GLU B 12 -5.51 13.92 1.91
C GLU B 12 -6.03 13.25 0.64
N TYR B 13 -7.32 13.39 0.35
CA TYR B 13 -7.87 12.75 -0.84
C TYR B 13 -8.86 13.63 -1.60
N GLU B 14 -9.30 13.13 -2.75
CA GLU B 14 -10.25 13.82 -3.61
C GLU B 14 -11.00 12.79 -4.45
N VAL B 15 -12.32 12.83 -4.38
CA VAL B 15 -13.16 11.92 -5.14
C VAL B 15 -13.19 12.25 -6.62
N LYS B 16 -12.74 11.31 -7.44
CA LYS B 16 -12.72 11.50 -8.87
C LYS B 16 -13.93 10.78 -9.43
N ASP B 17 -13.69 9.74 -10.24
CA ASP B 17 -14.75 8.96 -10.87
C ASP B 17 -15.20 7.83 -9.94
N LYS B 18 -16.38 7.27 -10.23
CA LYS B 18 -16.93 6.17 -9.45
C LYS B 18 -16.21 4.89 -9.86
N ALA B 19 -16.04 3.96 -8.92
CA ALA B 19 -15.37 2.69 -9.22
C ALA B 19 -16.34 1.52 -9.16
N LEU B 20 -17.58 1.82 -8.77
CA LEU B 20 -18.64 0.83 -8.65
C LEU B 20 -19.91 1.37 -9.29
N LYS B 21 -20.92 0.51 -9.42
CA LYS B 21 -22.21 0.88 -10.01
C LYS B 21 -23.03 1.71 -9.02
N ASN B 22 -22.96 1.33 -7.75
CA ASN B 22 -23.68 2.01 -6.70
C ASN B 22 -22.77 2.29 -5.52
N PRO B 23 -21.88 3.29 -5.65
CA PRO B 23 -20.97 3.62 -4.57
C PRO B 23 -21.68 4.33 -3.42
N GLU B 24 -21.08 4.28 -2.24
CA GLU B 24 -21.63 4.93 -1.05
C GLU B 24 -21.96 6.39 -1.36
N PRO B 25 -23.26 6.75 -1.34
CA PRO B 25 -23.61 8.15 -1.64
C PRO B 25 -22.95 9.06 -0.62
N ILE B 26 -22.40 10.18 -1.11
CA ILE B 26 -21.71 11.13 -0.25
C ILE B 26 -22.17 12.57 -0.43
N SER B 27 -22.09 13.34 0.65
CA SER B 27 -22.46 14.74 0.60
C SER B 27 -21.26 15.55 0.12
N GLU B 28 -21.47 16.81 -0.22
CA GLU B 28 -20.39 17.67 -0.71
C GLU B 28 -19.12 17.66 0.16
N ASP B 29 -19.29 17.79 1.48
CA ASP B 29 -18.14 17.78 2.38
C ASP B 29 -17.23 16.57 2.24
N MET B 30 -17.82 15.41 1.94
CA MET B 30 -17.06 14.17 1.81
C MET B 30 -16.28 14.02 0.50
N LYS B 31 -16.56 14.87 -0.49
CA LYS B 31 -15.88 14.79 -1.78
C LYS B 31 -14.36 14.85 -1.62
N ARG B 32 -13.92 15.36 -0.47
CA ARG B 32 -12.52 15.44 -0.16
C ARG B 32 -12.31 15.75 1.32
N GLY B 33 -11.12 15.43 1.82
CA GLY B 33 -10.84 15.67 3.21
C GLY B 33 -9.36 15.57 3.46
N ARG B 34 -8.93 15.92 4.67
CA ARG B 34 -7.51 15.88 5.03
C ARG B 34 -7.36 15.63 6.52
N MET B 35 -6.37 14.84 6.88
CA MET B 35 -6.11 14.57 8.28
C MET B 35 -4.59 14.64 8.48
N GLU B 36 -4.18 15.15 9.63
CA GLU B 36 -2.76 15.27 9.95
C GLU B 36 -2.42 14.42 11.16
N GLU B 37 -1.13 14.31 11.48
CA GLU B 37 -0.65 13.51 12.62
C GLU B 37 -1.62 12.34 12.83
N VAL B 38 -1.76 11.58 11.76
CA VAL B 38 -2.70 10.48 11.72
C VAL B 38 -2.08 9.12 11.40
N LEU B 39 -2.77 8.08 11.82
CA LEU B 39 -2.39 6.70 11.54
C LEU B 39 -3.37 6.29 10.46
N VAL B 40 -2.89 6.12 9.22
CA VAL B 40 -3.76 5.73 8.14
C VAL B 40 -3.92 4.21 8.04
N ALA B 41 -5.15 3.77 7.80
CA ALA B 41 -5.45 2.35 7.69
C ALA B 41 -6.15 1.97 6.39
N PHE B 42 -5.38 1.44 5.46
CA PHE B 42 -5.91 0.99 4.18
C PHE B 42 -6.41 -0.39 4.53
N ILE B 43 -7.70 -0.64 4.30
CA ILE B 43 -8.30 -1.94 4.62
C ILE B 43 -9.01 -2.63 3.47
N SER B 44 -8.66 -3.90 3.28
CA SER B 44 -9.27 -4.75 2.25
C SER B 44 -10.09 -5.81 2.94
N VAL B 45 -11.41 -5.61 2.94
CA VAL B 45 -12.32 -6.55 3.53
C VAL B 45 -12.32 -7.76 2.59
N GLU B 46 -12.06 -8.94 3.15
CA GLU B 46 -12.00 -10.15 2.33
C GLU B 46 -13.25 -11.03 2.43
N LYS B 47 -13.45 -11.81 1.38
CA LYS B 47 -14.58 -12.72 1.27
C LYS B 47 -14.83 -13.57 2.52
N VAL B 48 -13.76 -14.10 3.13
CA VAL B 48 -13.93 -14.93 4.32
C VAL B 48 -14.58 -14.18 5.47
N ASP B 49 -14.50 -12.85 5.43
CA ASP B 49 -15.07 -12.05 6.51
C ASP B 49 -16.59 -12.00 6.49
N GLU B 50 -17.21 -12.45 5.40
CA GLU B 50 -18.65 -12.44 5.30
C GLU B 50 -19.30 -13.45 6.23
N LYS B 51 -18.49 -14.35 6.76
CA LYS B 51 -18.98 -15.36 7.68
C LYS B 51 -19.29 -14.79 9.04
N ASN B 52 -18.36 -14.00 9.58
CA ASN B 52 -18.58 -13.39 10.87
C ASN B 52 -18.05 -11.94 10.95
N PRO B 53 -18.81 -10.99 10.37
CA PRO B 53 -18.53 -9.55 10.31
C PRO B 53 -18.22 -8.87 11.63
N GLU B 54 -19.01 -9.19 12.66
CA GLU B 54 -18.81 -8.61 13.98
C GLU B 54 -17.46 -8.99 14.58
N GLU B 55 -17.15 -10.27 14.58
CA GLU B 55 -15.87 -10.71 15.14
C GLU B 55 -14.69 -10.09 14.39
N VAL B 56 -14.83 -9.97 13.08
CA VAL B 56 -13.78 -9.39 12.25
C VAL B 56 -13.64 -7.88 12.44
N SER B 57 -14.77 -7.19 12.59
CA SER B 57 -14.73 -5.74 12.81
C SER B 57 -14.14 -5.46 14.18
N LEU B 58 -14.69 -6.10 15.20
CA LEU B 58 -14.22 -5.90 16.57
C LEU B 58 -12.73 -6.24 16.69
N LYS B 59 -12.31 -7.30 16.01
CA LYS B 59 -10.93 -7.74 16.05
C LYS B 59 -10.02 -6.68 15.41
N ALA B 60 -10.43 -6.18 14.26
CA ALA B 60 -9.67 -5.14 13.55
C ALA B 60 -9.64 -3.85 14.34
N ILE B 61 -10.72 -3.56 15.06
CA ILE B 61 -10.79 -2.36 15.87
C ILE B 61 -9.71 -2.41 16.95
N GLU B 62 -9.59 -3.55 17.61
CA GLU B 62 -8.60 -3.68 18.67
C GLU B 62 -7.17 -3.63 18.16
N GLU B 63 -6.95 -4.12 16.94
CA GLU B 63 -5.62 -4.12 16.36
C GLU B 63 -5.22 -2.76 15.80
N ILE B 64 -6.19 -1.96 15.41
CA ILE B 64 -5.89 -0.63 14.88
C ILE B 64 -5.58 0.29 16.04
N SER B 65 -6.39 0.18 17.09
CA SER B 65 -6.21 1.00 18.27
C SER B 65 -4.88 0.72 18.93
N LYS B 66 -4.54 -0.56 19.07
CA LYS B 66 -3.29 -0.96 19.70
C LYS B 66 -2.13 -0.20 19.07
N VAL B 67 -2.10 -0.19 17.74
CA VAL B 67 -1.05 0.49 16.99
C VAL B 67 -1.17 2.01 17.10
N ALA B 68 -2.38 2.50 17.31
CA ALA B 68 -2.60 3.93 17.48
C ALA B 68 -2.00 4.36 18.82
N GLU B 69 -1.87 3.38 19.73
CA GLU B 69 -1.28 3.63 21.02
C GLU B 69 0.22 3.72 20.80
N GLN B 70 0.80 2.63 20.31
CA GLN B 70 2.24 2.54 20.05
C GLN B 70 2.88 3.77 19.42
N VAL B 71 2.25 4.30 18.37
CA VAL B 71 2.79 5.48 17.70
C VAL B 71 2.21 6.78 18.24
N LYS B 72 1.51 6.70 19.36
CA LYS B 72 0.93 7.88 19.99
C LYS B 72 0.09 8.72 19.01
N ALA B 73 -0.65 8.05 18.15
CA ALA B 73 -1.50 8.76 17.19
C ALA B 73 -2.86 9.03 17.83
N GLU B 74 -3.34 10.27 17.73
CA GLU B 74 -4.63 10.62 18.30
C GLU B 74 -5.71 10.45 17.24
N ASN B 75 -5.33 10.66 15.99
CA ASN B 75 -6.24 10.53 14.86
C ASN B 75 -5.95 9.27 14.06
N VAL B 76 -7.03 8.63 13.60
CA VAL B 76 -6.97 7.43 12.80
C VAL B 76 -7.85 7.73 11.58
N PHE B 77 -7.38 7.37 10.39
CA PHE B 77 -8.17 7.58 9.17
C PHE B 77 -8.36 6.23 8.52
N VAL B 78 -9.61 5.90 8.23
CA VAL B 78 -9.96 4.62 7.61
C VAL B 78 -10.01 4.73 6.09
N TYR B 79 -9.08 4.08 5.40
CA TYR B 79 -9.07 4.15 3.94
C TYR B 79 -9.53 2.88 3.21
N PRO B 80 -10.78 2.87 2.72
CA PRO B 80 -11.30 1.69 2.00
C PRO B 80 -10.34 1.41 0.86
N PHE B 81 -9.61 0.31 0.95
CA PHE B 81 -8.62 -0.01 -0.08
C PHE B 81 -8.82 -1.39 -0.68
N ALA B 82 -8.90 -1.45 -2.00
CA ALA B 82 -9.13 -2.71 -2.72
C ALA B 82 -7.91 -3.50 -3.22
N HIS B 83 -6.70 -3.04 -2.92
CA HIS B 83 -5.53 -3.75 -3.45
C HIS B 83 -4.59 -4.46 -2.51
N LEU B 84 -5.13 -4.95 -1.40
CA LEU B 84 -4.31 -5.68 -0.43
C LEU B 84 -4.73 -7.15 -0.46
N SER B 85 -5.76 -7.45 -1.23
CA SER B 85 -6.26 -8.81 -1.30
C SER B 85 -6.70 -9.18 -2.70
N SER B 86 -6.68 -10.48 -2.96
CA SER B 86 -7.10 -11.03 -4.24
C SER B 86 -8.58 -11.42 -4.12
N GLU B 87 -8.90 -12.01 -2.96
CA GLU B 87 -10.26 -12.47 -2.62
C GLU B 87 -11.03 -11.41 -1.85
N LEU B 88 -11.43 -10.36 -2.55
CA LEU B 88 -12.16 -9.26 -1.93
C LEU B 88 -13.58 -9.64 -1.53
N ALA B 89 -14.16 -8.85 -0.65
CA ALA B 89 -15.51 -9.12 -0.18
C ALA B 89 -16.54 -8.37 -1.00
N LYS B 90 -17.76 -8.91 -0.99
CA LYS B 90 -18.87 -8.30 -1.69
C LYS B 90 -19.00 -6.85 -1.21
N PRO B 91 -19.18 -5.90 -2.15
CA PRO B 91 -19.33 -4.47 -1.87
C PRO B 91 -20.19 -4.15 -0.66
N SER B 92 -21.32 -4.85 -0.54
CA SER B 92 -22.24 -4.64 0.56
C SER B 92 -21.61 -5.02 1.90
N VAL B 93 -20.93 -6.17 1.94
CA VAL B 93 -20.30 -6.61 3.17
C VAL B 93 -19.08 -5.73 3.52
N ALA B 94 -18.38 -5.25 2.50
CA ALA B 94 -17.21 -4.39 2.72
C ALA B 94 -17.61 -3.12 3.46
N MET B 95 -18.58 -2.39 2.90
CA MET B 95 -19.09 -1.15 3.50
C MET B 95 -19.55 -1.34 4.94
N ASP B 96 -20.17 -2.48 5.18
CA ASP B 96 -20.66 -2.79 6.50
C ASP B 96 -19.51 -2.96 7.48
N ILE B 97 -18.53 -3.79 7.12
CA ILE B 97 -17.40 -4.01 8.02
C ILE B 97 -16.67 -2.69 8.26
N LEU B 98 -16.46 -1.91 7.20
CA LEU B 98 -15.76 -0.63 7.31
C LEU B 98 -16.46 0.37 8.24
N ASN B 99 -17.79 0.31 8.26
CA ASN B 99 -18.54 1.22 9.12
C ASN B 99 -18.39 0.75 10.55
N ARG B 100 -18.48 -0.56 10.74
CA ARG B 100 -18.35 -1.15 12.06
C ARG B 100 -17.03 -0.68 12.67
N VAL B 101 -15.94 -0.84 11.92
CA VAL B 101 -14.60 -0.44 12.35
C VAL B 101 -14.52 1.08 12.59
N TYR B 102 -14.95 1.85 11.60
CA TYR B 102 -14.96 3.30 11.72
C TYR B 102 -15.61 3.66 13.04
N GLN B 103 -16.89 3.33 13.18
CA GLN B 103 -17.67 3.61 14.39
C GLN B 103 -17.00 3.11 15.67
N GLY B 104 -16.62 1.84 15.69
CA GLY B 104 -16.00 1.26 16.88
C GLY B 104 -14.71 1.96 17.29
N LEU B 105 -14.09 2.62 16.32
CA LEU B 105 -12.86 3.36 16.52
C LEU B 105 -13.22 4.71 17.14
N LYS B 106 -14.34 5.27 16.70
CA LYS B 106 -14.81 6.55 17.21
C LYS B 106 -15.13 6.47 18.69
N GLU B 107 -15.73 5.34 19.09
CA GLU B 107 -16.09 5.14 20.48
C GLU B 107 -14.89 4.81 21.37
N ARG B 108 -13.74 4.53 20.77
CA ARG B 108 -12.54 4.28 21.56
C ARG B 108 -11.95 5.61 22.01
N GLY B 109 -12.48 6.70 21.45
CA GLY B 109 -11.98 8.03 21.80
C GLY B 109 -11.02 8.62 20.79
N PHE B 110 -10.96 8.02 19.60
CA PHE B 110 -10.07 8.51 18.57
C PHE B 110 -10.80 9.45 17.62
N ASN B 111 -10.07 10.44 17.13
CA ASN B 111 -10.65 11.37 16.18
C ASN B 111 -10.52 10.52 14.92
N VAL B 112 -11.65 10.14 14.31
CA VAL B 112 -11.59 9.29 13.11
C VAL B 112 -12.10 9.94 11.82
N GLY B 113 -11.37 9.70 10.73
CA GLY B 113 -11.75 10.23 9.44
C GLY B 113 -11.95 9.08 8.48
N LYS B 114 -12.52 9.35 7.30
CA LYS B 114 -12.76 8.28 6.33
C LYS B 114 -12.95 8.75 4.91
N ALA B 115 -12.44 7.96 3.97
CA ALA B 115 -12.56 8.25 2.56
C ALA B 115 -13.81 7.53 2.08
N PRO B 116 -14.60 8.16 1.21
CA PRO B 116 -15.82 7.51 0.72
C PRO B 116 -15.62 6.21 -0.07
N PHE B 117 -16.36 5.19 0.33
CA PHE B 117 -16.31 3.87 -0.27
C PHE B 117 -16.84 3.80 -1.71
N GLY B 118 -16.15 3.04 -2.56
CA GLY B 118 -16.58 2.85 -3.93
C GLY B 118 -16.20 3.88 -4.98
N TYR B 119 -15.24 4.73 -4.68
CA TYR B 119 -14.83 5.72 -5.67
C TYR B 119 -13.33 5.68 -5.89
N TYR B 120 -12.90 6.29 -6.98
CA TYR B 120 -11.50 6.39 -7.29
C TYR B 120 -11.13 7.73 -6.65
N LYS B 121 -10.10 7.73 -5.81
CA LYS B 121 -9.70 8.97 -5.17
C LYS B 121 -8.25 9.25 -5.48
N ALA B 122 -7.92 10.53 -5.61
CA ALA B 122 -6.53 10.90 -5.82
C ALA B 122 -6.14 11.15 -4.36
N PHE B 123 -4.88 10.98 -3.99
CA PHE B 123 -4.52 11.23 -2.61
C PHE B 123 -3.04 11.46 -2.37
N LYS B 124 -2.74 12.15 -1.28
CA LYS B 124 -1.37 12.45 -0.91
C LYS B 124 -1.17 11.93 0.48
N ILE B 125 -0.07 11.21 0.69
CA ILE B 125 0.22 10.68 2.00
C ILE B 125 1.72 10.88 2.27
N SER B 126 2.04 11.17 3.52
CA SER B 126 3.42 11.38 3.91
C SER B 126 3.73 10.48 5.07
N CYS B 127 4.40 9.36 4.78
CA CYS B 127 4.77 8.37 5.79
C CYS B 127 5.93 8.87 6.64
N LYS B 128 5.80 8.81 7.96
CA LYS B 128 6.86 9.27 8.85
C LYS B 128 8.14 8.43 8.71
N GLY B 129 8.01 7.20 8.22
CA GLY B 129 9.17 6.35 8.02
C GLY B 129 9.91 5.78 9.22
N HIS B 130 9.24 5.70 10.38
CA HIS B 130 9.88 5.17 11.57
C HIS B 130 9.68 3.68 11.75
N PRO B 131 10.43 3.07 12.69
CA PRO B 131 10.38 1.64 13.03
C PRO B 131 9.01 0.98 13.07
N LEU B 132 8.03 1.68 13.62
CA LEU B 132 6.68 1.11 13.69
C LEU B 132 5.68 1.92 12.88
N ALA B 133 6.20 2.84 12.05
CA ALA B 133 5.36 3.71 11.22
C ALA B 133 4.77 3.01 10.01
N GLU B 134 5.12 1.73 9.83
CA GLU B 134 4.61 0.93 8.72
C GLU B 134 4.41 -0.52 9.17
N LEU B 135 3.15 -0.93 9.25
CA LEU B 135 2.81 -2.28 9.67
C LEU B 135 1.69 -2.81 8.80
N SER B 136 1.50 -4.13 8.84
CA SER B 136 0.44 -4.77 8.08
C SER B 136 -0.17 -5.83 8.98
N ARG B 137 -1.48 -6.01 8.89
CA ARG B 137 -2.16 -6.98 9.71
C ARG B 137 -3.16 -7.80 8.91
N THR B 138 -3.46 -8.99 9.40
CA THR B 138 -4.43 -9.86 8.76
C THR B 138 -5.46 -10.18 9.84
N ILE B 139 -6.72 -9.89 9.56
CA ILE B 139 -7.78 -10.16 10.51
C ILE B 139 -8.84 -11.04 9.82
N VAL B 140 -8.85 -12.32 10.18
CA VAL B 140 -9.83 -13.25 9.59
C VAL B 140 -10.65 -13.89 10.69
N PRO B 141 -11.91 -14.25 10.39
CA PRO B 141 -12.76 -14.88 11.41
C PRO B 141 -12.31 -16.30 11.71
N GLU B 142 -12.69 -16.82 12.86
CA GLU B 142 -12.34 -18.19 13.26
C GLU B 142 -13.49 -19.11 12.84
N GLU B 143 -13.16 -20.34 12.45
CA GLU B 143 -14.18 -21.28 12.02
C GLU B 143 -14.74 -22.09 13.20
N10 SSA C . 14.88 -8.71 9.58
CA SSA C . 13.55 -8.47 10.18
CB SSA C . 13.62 -7.31 11.17
OG SSA C . 13.98 -6.10 10.50
C9 SSA C . 12.54 -8.14 9.07
O9 SSA C . 11.41 -8.63 9.11
N8 SSA C . 12.99 -7.34 8.11
S1 SSA C . 12.02 -6.90 6.88
O1S SSA C . 10.86 -6.11 7.40
O2S SSA C . 11.52 -8.07 6.23
O5' SSA C . 12.73 -6.10 5.93
C5' SSA C . 13.10 -4.74 6.19
C4' SSA C . 13.38 -4.00 4.88
O4' SSA C . 14.35 -4.69 4.07
C3' SSA C . 12.12 -3.89 4.01
O3' SSA C . 11.39 -2.71 4.36
C2' SSA C . 12.77 -3.72 2.64
O2' SSA C . 13.42 -2.45 2.52
C1' SSA C . 13.83 -4.82 2.73
N9 SSA C . 13.21 -6.17 2.60
C8 SSA C . 13.46 -7.22 3.38
N7 SSA C . 12.78 -8.27 2.93
C5 SSA C . 12.10 -7.90 1.86
C6 SSA C . 11.24 -8.55 0.97
N6 SSA C . 10.97 -9.84 1.11
N1 SSA C . 10.70 -7.84 -0.03
C2 SSA C . 10.96 -6.56 -0.21
N3 SSA C . 11.77 -5.92 0.62
C4 SSA C . 12.35 -6.55 1.65
N10 SSA D . -15.28 -2.39 -10.40
CA SSA D . -14.04 -3.13 -10.64
CB SSA D . -13.13 -2.34 -11.57
OG SSA D . -12.80 -1.08 -10.98
C9 SSA D . -13.33 -3.41 -9.30
O9 SSA D . -12.47 -4.28 -9.23
N8 SSA D . -13.70 -2.63 -8.29
S1 SSA D . -13.02 -2.81 -6.83
O1S SSA D . -11.53 -2.65 -6.94
O2S SSA D . -13.31 -4.13 -6.34
O5' SSA D . -13.54 -1.85 -5.90
C5' SSA D . -13.40 -0.44 -6.13
C4' SSA D . -13.56 0.35 -4.83
O4' SSA D . -14.75 0.00 -4.12
C3' SSA D . -12.41 0.09 -3.86
O3' SSA D . -11.31 0.94 -4.18
C2' SSA D . -13.08 0.58 -2.57
O2' SSA D . -13.25 2.00 -2.61
C1' SSA D . -14.43 -0.11 -2.72
N9 SSA D . -14.36 -1.55 -2.37
C8 SSA D . -14.96 -2.54 -3.01
N7 SSA D . -14.72 -3.70 -2.40
C5 SSA D . -13.94 -3.44 -1.35
C6 SSA D . -13.38 -4.22 -0.34
N6 SSA D . -13.58 -5.54 -0.33
N1 SSA D . -12.64 -3.63 0.60
C2 SSA D . -12.43 -2.32 0.59
N3 SSA D . -12.94 -1.55 -0.36
C4 SSA D . -13.70 -2.08 -1.33
#